data_2AKE
#
_entry.id   2AKE
#
_cell.length_a   133.200
_cell.length_b   133.200
_cell.length_c   138.300
_cell.angle_alpha   90.00
_cell.angle_beta   90.00
_cell.angle_gamma   90.00
#
_symmetry.space_group_name_H-M   'P 43 2 2'
#
loop_
_entity.id
_entity.type
_entity.pdbx_description
1 polymer 'transfer RNA-Trp'
2 polymer 'Tryptophanyl-tRNA synthetase'
3 non-polymer 'SULFATE ION'
4 non-polymer TRYPTOPHAN
#
loop_
_entity_poly.entity_id
_entity_poly.type
_entity_poly.pdbx_seq_one_letter_code
_entity_poly.pdbx_strand_id
1 'polyribonucleotide' GACCUCGUGGCGCAAUGGUAGCGCGUCUGACUCCAGAUCAGAAGGUUGCGUGUUCGAAUCACGUCGGGGUCA B
2 'polypeptide(L)'
;SAKGIDYDKLIVRFGSSKIDKELINRIERATGQRPHHFLRRGIFFSHRDMNQVLDAYENKKPFYLYTGRGPSSEAMHVGH
LIPFIFTKWLQDVFNVPLVIQMTDDEKYLWKDLTLDQAYSYAVENAKDIIACGFDINKTFIFSDLDYMGMSSGFYKNVVK
IQKHVTFNQVKGIFGFTDSDCIGKISFPAIQAAPSFSNSFPQIFRDRTDIQCLIPCAIDQDPYFRMTRDVAPRIGYPKPA
LLHSTFFPALQGAQTKMSASDPNSSIFLTDTAKQIKTKVNKHAFSGGRDTIEEHRQFGGNCDVDVSFMYLTFFLEDDDKL
EQIRKDYTSGAMLTGELKKALIEVLQPLIAEHQARRKEVTDEIVKEFMTPRKLSFDFQHHHHHH
;
A
#
# COMPACT_ATOMS: atom_id res chain seq x y z
N GLY B 4 -6.23 -20.07 3.58
CA GLY B 4 -5.19 -18.99 3.44
C GLY B 4 -4.45 -18.68 4.75
N ILE B 5 -4.26 -17.40 5.04
CA ILE B 5 -3.59 -16.98 6.26
C ILE B 5 -4.60 -16.40 7.24
N ASP B 6 -4.35 -16.59 8.54
CA ASP B 6 -5.24 -16.12 9.59
C ASP B 6 -4.83 -14.74 10.08
N TYR B 7 -5.52 -13.71 9.57
CA TYR B 7 -5.23 -12.32 9.92
C TYR B 7 -5.68 -11.93 11.32
N ASP B 8 -6.71 -12.59 11.83
CA ASP B 8 -7.19 -12.28 13.17
C ASP B 8 -6.12 -12.56 14.19
N LYS B 9 -5.27 -13.55 13.90
CA LYS B 9 -4.19 -13.87 14.82
C LYS B 9 -3.10 -12.82 14.69
N LEU B 10 -2.86 -12.36 13.47
CA LEU B 10 -1.85 -11.33 13.24
C LEU B 10 -2.21 -10.13 14.11
N ILE B 11 -3.46 -9.72 13.98
CA ILE B 11 -3.98 -8.60 14.73
C ILE B 11 -3.66 -8.78 16.19
N VAL B 12 -4.27 -9.80 16.80
CA VAL B 12 -4.03 -10.08 18.21
C VAL B 12 -2.54 -10.17 18.49
N ARG B 13 -1.80 -10.84 17.62
CA ARG B 13 -0.36 -10.97 17.80
C ARG B 13 0.31 -9.61 17.95
N PHE B 14 0.22 -8.81 16.88
CA PHE B 14 0.83 -7.48 16.84
C PHE B 14 0.26 -6.45 17.80
N GLY B 15 -1.02 -6.54 18.11
CA GLY B 15 -1.60 -5.57 19.01
C GLY B 15 -2.46 -4.53 18.32
N SER B 16 -2.63 -4.65 17.01
CA SER B 16 -3.46 -3.69 16.29
C SER B 16 -4.92 -3.92 16.64
N SER B 17 -5.83 -3.46 15.79
CA SER B 17 -7.26 -3.61 16.03
C SER B 17 -8.00 -3.93 14.75
N LYS B 18 -9.05 -4.73 14.87
CA LYS B 18 -9.82 -5.10 13.70
C LYS B 18 -10.75 -3.96 13.29
N ILE B 19 -10.89 -3.77 11.99
CA ILE B 19 -11.78 -2.75 11.51
C ILE B 19 -13.14 -3.43 11.48
N ASP B 20 -14.08 -2.93 12.29
CA ASP B 20 -15.44 -3.49 12.31
C ASP B 20 -16.44 -2.56 11.64
N LYS B 21 -17.68 -3.02 11.49
CA LYS B 21 -18.71 -2.21 10.85
C LYS B 21 -18.83 -0.87 11.51
N GLU B 22 -18.74 -0.86 12.83
CA GLU B 22 -18.82 0.40 13.56
C GLU B 22 -17.87 1.40 12.91
N LEU B 23 -16.60 1.02 12.82
CA LEU B 23 -15.58 1.89 12.24
C LEU B 23 -15.93 2.27 10.83
N ILE B 24 -16.24 1.28 10.01
CA ILE B 24 -16.60 1.57 8.64
C ILE B 24 -17.71 2.61 8.59
N ASN B 25 -18.76 2.41 9.38
CA ASN B 25 -19.87 3.35 9.38
C ASN B 25 -19.43 4.74 9.82
N ARG B 26 -18.49 4.80 10.76
CA ARG B 26 -18.02 6.09 11.20
C ARG B 26 -17.39 6.77 10.00
N ILE B 27 -16.49 6.07 9.32
CA ILE B 27 -15.83 6.62 8.15
C ILE B 27 -16.87 7.18 7.20
N GLU B 28 -17.99 6.48 7.06
CA GLU B 28 -19.02 6.95 6.16
C GLU B 28 -19.62 8.24 6.71
N ARG B 29 -20.17 8.18 7.91
CA ARG B 29 -20.77 9.36 8.51
C ARG B 29 -19.80 10.52 8.42
N ALA B 30 -18.53 10.26 8.71
CA ALA B 30 -17.52 11.30 8.65
C ALA B 30 -17.18 11.81 7.24
N THR B 31 -17.35 11.01 6.21
CA THR B 31 -16.98 11.49 4.88
C THR B 31 -18.13 11.77 3.94
N GLY B 32 -19.33 11.33 4.32
CA GLY B 32 -20.50 11.54 3.49
C GLY B 32 -20.34 10.90 2.14
N GLN B 33 -19.57 9.81 2.11
CA GLN B 33 -19.29 9.07 0.90
C GLN B 33 -19.29 7.60 1.28
N ARG B 34 -19.76 6.74 0.38
CA ARG B 34 -19.77 5.31 0.68
C ARG B 34 -18.33 4.80 0.82
N PRO B 35 -18.04 4.14 1.93
CA PRO B 35 -16.67 3.64 2.11
C PRO B 35 -16.20 2.70 1.01
N HIS B 36 -14.92 2.82 0.67
CA HIS B 36 -14.25 2.03 -0.37
C HIS B 36 -14.44 0.52 -0.21
N HIS B 37 -14.52 -0.20 -1.31
CA HIS B 37 -14.69 -1.65 -1.23
C HIS B 37 -13.59 -2.39 -0.50
N PHE B 38 -12.39 -1.81 -0.43
CA PHE B 38 -11.34 -2.46 0.31
C PHE B 38 -11.81 -2.51 1.78
N LEU B 39 -12.46 -1.45 2.22
CA LEU B 39 -12.95 -1.43 3.59
C LEU B 39 -14.12 -2.39 3.76
N ARG B 40 -15.01 -2.36 2.78
CA ARG B 40 -16.19 -3.21 2.80
C ARG B 40 -15.85 -4.68 2.75
N ARG B 41 -14.93 -5.02 1.87
CA ARG B 41 -14.52 -6.41 1.67
C ARG B 41 -13.36 -6.91 2.51
N GLY B 42 -13.00 -6.19 3.55
CA GLY B 42 -11.92 -6.67 4.38
C GLY B 42 -10.49 -6.67 3.89
N ILE B 43 -10.19 -5.97 2.78
CA ILE B 43 -8.81 -5.90 2.27
C ILE B 43 -8.00 -5.08 3.27
N PHE B 44 -8.58 -3.97 3.73
CA PHE B 44 -7.94 -3.16 4.76
C PHE B 44 -8.75 -3.62 5.95
N PHE B 45 -8.13 -4.46 6.77
CA PHE B 45 -8.81 -5.08 7.91
C PHE B 45 -8.36 -4.63 9.27
N SER B 46 -7.10 -4.23 9.39
CA SER B 46 -6.58 -3.81 10.68
C SER B 46 -6.29 -2.32 10.71
N HIS B 47 -6.22 -1.77 11.91
CA HIS B 47 -5.93 -0.35 12.04
C HIS B 47 -5.30 -0.08 13.40
N ARG B 48 -4.87 1.16 13.58
CA ARG B 48 -4.29 1.61 14.82
C ARG B 48 -4.70 3.07 14.99
N ASP B 49 -5.44 3.35 16.06
CA ASP B 49 -5.87 4.70 16.35
C ASP B 49 -6.74 5.38 15.28
N MET B 50 -7.37 4.61 14.41
CA MET B 50 -8.19 5.25 13.40
C MET B 50 -9.30 6.11 13.97
N ASN B 51 -9.86 5.70 15.11
CA ASN B 51 -10.94 6.48 15.74
C ASN B 51 -10.41 7.84 16.19
N GLN B 52 -9.20 7.87 16.73
CA GLN B 52 -8.62 9.12 17.18
C GLN B 52 -8.56 10.04 15.99
N VAL B 53 -8.12 9.49 14.85
CA VAL B 53 -8.03 10.25 13.61
C VAL B 53 -9.38 10.85 13.27
N LEU B 54 -10.41 10.01 13.28
CA LEU B 54 -11.77 10.43 12.97
C LEU B 54 -12.22 11.53 13.90
N ASP B 55 -12.02 11.31 15.20
CA ASP B 55 -12.39 12.30 16.22
C ASP B 55 -11.82 13.66 15.83
N ALA B 56 -10.51 13.71 15.60
CA ALA B 56 -9.88 14.97 15.21
C ALA B 56 -10.53 15.51 13.97
N TYR B 57 -10.53 14.69 12.92
CA TYR B 57 -11.10 15.09 11.65
C TYR B 57 -12.49 15.66 11.80
N GLU B 58 -13.36 14.94 12.51
CA GLU B 58 -14.73 15.42 12.72
C GLU B 58 -14.74 16.71 13.54
N ASN B 59 -13.68 16.97 14.31
CA ASN B 59 -13.62 18.17 15.12
C ASN B 59 -12.74 19.26 14.50
N LYS B 60 -12.64 19.23 13.18
CA LYS B 60 -11.86 20.23 12.46
C LYS B 60 -10.39 20.31 12.80
N LYS B 61 -9.81 19.19 13.21
CA LYS B 61 -8.38 19.14 13.48
C LYS B 61 -7.79 18.44 12.27
N PRO B 62 -6.76 19.03 11.66
CA PRO B 62 -6.07 18.51 10.48
C PRO B 62 -5.25 17.24 10.65
N PHE B 63 -5.23 16.42 9.61
CA PHE B 63 -4.43 15.21 9.64
C PHE B 63 -3.91 15.03 8.22
N TYR B 64 -2.78 14.34 8.06
CA TYR B 64 -2.25 14.13 6.72
C TYR B 64 -1.95 12.65 6.45
N LEU B 65 -1.90 12.28 5.18
CA LEU B 65 -1.65 10.89 4.81
C LEU B 65 -0.19 10.63 4.50
N TYR B 66 0.27 9.44 4.86
CA TYR B 66 1.65 9.05 4.63
C TYR B 66 1.71 7.58 4.26
N THR B 67 2.33 7.33 3.11
CA THR B 67 2.48 5.98 2.61
C THR B 67 3.76 5.97 1.77
N GLY B 68 4.26 4.80 1.42
CA GLY B 68 5.48 4.76 0.65
C GLY B 68 5.63 3.60 -0.31
N ARG B 69 6.78 3.58 -0.97
CA ARG B 69 7.10 2.58 -1.98
C ARG B 69 8.61 2.33 -2.04
N GLY B 70 8.98 1.06 -2.09
CA GLY B 70 10.39 0.69 -2.18
C GLY B 70 10.63 0.44 -3.64
N PRO B 71 11.48 1.23 -4.28
CA PRO B 71 11.76 1.06 -5.72
C PRO B 71 12.70 -0.11 -6.00
N SER B 72 12.22 -1.32 -5.76
CA SER B 72 13.01 -2.52 -5.98
C SER B 72 13.40 -2.58 -7.43
N SER B 73 12.46 -2.22 -8.31
CA SER B 73 12.73 -2.24 -9.74
C SER B 73 11.82 -1.31 -10.52
N GLU B 74 11.99 -1.32 -11.83
CA GLU B 74 11.20 -0.48 -12.71
C GLU B 74 9.87 -1.14 -12.97
N ALA B 75 9.85 -2.46 -12.83
CA ALA B 75 8.65 -3.25 -13.07
C ALA B 75 7.77 -3.35 -11.83
N MET B 76 6.56 -2.83 -11.93
CA MET B 76 5.63 -2.90 -10.82
C MET B 76 4.46 -3.78 -11.21
N HIS B 77 3.78 -4.35 -10.23
CA HIS B 77 2.65 -5.20 -10.54
C HIS B 77 1.45 -4.90 -9.68
N VAL B 78 0.29 -5.15 -10.27
CA VAL B 78 -1.01 -4.99 -9.65
C VAL B 78 -1.04 -5.01 -8.12
N GLY B 79 -0.27 -5.92 -7.52
CA GLY B 79 -0.25 -6.00 -6.07
C GLY B 79 0.23 -4.71 -5.44
N HIS B 80 1.23 -4.11 -6.07
CA HIS B 80 1.83 -2.87 -5.63
C HIS B 80 0.86 -1.71 -5.54
N LEU B 81 -0.11 -1.67 -6.45
CA LEU B 81 -1.11 -0.60 -6.48
C LEU B 81 -2.14 -0.55 -5.34
N ILE B 82 -2.41 -1.67 -4.68
CA ILE B 82 -3.45 -1.65 -3.65
C ILE B 82 -3.37 -0.51 -2.64
N PRO B 83 -2.24 -0.37 -1.94
CA PRO B 83 -2.15 0.71 -0.95
C PRO B 83 -2.32 2.08 -1.59
N PHE B 84 -1.76 2.25 -2.77
CA PHE B 84 -1.88 3.52 -3.46
C PHE B 84 -3.31 3.81 -3.89
N ILE B 85 -3.98 2.79 -4.43
CA ILE B 85 -5.37 2.96 -4.84
C ILE B 85 -6.21 3.44 -3.65
N PHE B 86 -6.09 2.72 -2.55
CA PHE B 86 -6.82 3.05 -1.33
C PHE B 86 -6.41 4.43 -0.81
N THR B 87 -5.11 4.75 -0.87
CA THR B 87 -4.68 6.04 -0.38
C THR B 87 -5.29 7.15 -1.23
N LYS B 88 -5.27 6.98 -2.56
CA LYS B 88 -5.85 7.99 -3.43
C LYS B 88 -7.32 8.21 -3.02
N TRP B 89 -8.01 7.13 -2.69
CA TRP B 89 -9.40 7.26 -2.29
C TRP B 89 -9.49 8.04 -0.99
N LEU B 90 -8.66 7.68 -0.01
CA LEU B 90 -8.67 8.38 1.28
C LEU B 90 -8.42 9.86 1.09
N GLN B 91 -7.49 10.20 0.22
CA GLN B 91 -7.19 11.60 -0.03
C GLN B 91 -8.42 12.33 -0.54
N ASP B 92 -9.04 11.80 -1.60
CA ASP B 92 -10.22 12.40 -2.16
C ASP B 92 -11.28 12.62 -1.08
N VAL B 93 -11.71 11.52 -0.51
CA VAL B 93 -12.73 11.49 0.50
C VAL B 93 -12.54 12.37 1.74
N PHE B 94 -11.33 12.44 2.27
CA PHE B 94 -11.12 13.29 3.45
C PHE B 94 -10.57 14.66 3.06
N ASN B 95 -10.02 14.74 1.85
CA ASN B 95 -9.45 15.97 1.35
C ASN B 95 -8.27 16.43 2.22
N VAL B 96 -7.28 15.56 2.37
CA VAL B 96 -6.09 15.88 3.17
C VAL B 96 -4.84 15.80 2.30
N PRO B 97 -3.75 16.42 2.75
CA PRO B 97 -2.54 16.37 1.95
C PRO B 97 -1.87 15.00 2.14
N LEU B 98 -1.08 14.61 1.14
CA LEU B 98 -0.40 13.32 1.19
C LEU B 98 1.09 13.39 0.90
N VAL B 99 1.84 12.55 1.61
CA VAL B 99 3.29 12.46 1.49
C VAL B 99 3.66 11.01 1.13
N ILE B 100 4.33 10.81 0.00
CA ILE B 100 4.70 9.47 -0.45
C ILE B 100 6.22 9.29 -0.50
N GLN B 101 6.74 8.31 0.24
CA GLN B 101 8.18 8.04 0.31
C GLN B 101 8.68 6.98 -0.64
N MET B 102 9.68 7.35 -1.44
CA MET B 102 10.31 6.42 -2.38
C MET B 102 11.60 6.09 -1.70
N THR B 103 11.71 4.89 -1.16
CA THR B 103 12.93 4.50 -0.44
C THR B 103 14.04 3.99 -1.35
N ASP B 104 14.48 4.84 -2.26
CA ASP B 104 15.55 4.48 -3.16
C ASP B 104 16.80 4.14 -2.31
N ASP B 105 16.99 4.85 -1.21
CA ASP B 105 18.15 4.57 -0.37
C ASP B 105 18.06 3.21 0.33
N GLU B 106 16.83 2.72 0.52
CA GLU B 106 16.63 1.44 1.18
C GLU B 106 16.99 0.33 0.21
N LYS B 107 16.47 0.39 -1.01
CA LYS B 107 16.78 -0.65 -1.99
C LYS B 107 18.26 -0.65 -2.30
N TYR B 108 18.85 0.52 -2.43
CA TYR B 108 20.27 0.62 -2.69
C TYR B 108 21.02 -0.20 -1.64
N LEU B 109 20.49 -0.19 -0.43
CA LEU B 109 21.09 -0.91 0.69
C LEU B 109 20.81 -2.41 0.69
N TRP B 110 19.55 -2.78 0.49
CA TRP B 110 19.14 -4.18 0.53
C TRP B 110 19.34 -5.00 -0.72
N LYS B 111 19.50 -4.34 -1.85
CA LYS B 111 19.65 -5.07 -3.10
C LYS B 111 20.91 -4.60 -3.83
N ASP B 112 21.39 -5.43 -4.75
CA ASP B 112 22.59 -5.10 -5.52
C ASP B 112 22.19 -4.10 -6.61
N LEU B 113 22.11 -2.83 -6.20
CA LEU B 113 21.74 -1.74 -7.09
C LEU B 113 22.72 -0.59 -6.87
N THR B 114 22.84 0.25 -7.87
CA THR B 114 23.72 1.40 -7.75
C THR B 114 22.87 2.61 -7.41
N LEU B 115 23.43 3.59 -6.69
CA LEU B 115 22.64 4.76 -6.35
C LEU B 115 21.86 5.27 -7.55
N ASP B 116 22.48 5.30 -8.72
CA ASP B 116 21.76 5.80 -9.89
C ASP B 116 20.56 4.94 -10.25
N GLN B 117 20.74 3.63 -10.27
CA GLN B 117 19.65 2.73 -10.62
C GLN B 117 18.49 2.92 -9.68
N ALA B 118 18.79 2.85 -8.38
CA ALA B 118 17.78 3.00 -7.35
C ALA B 118 16.93 4.23 -7.63
N TYR B 119 17.59 5.38 -7.68
CA TYR B 119 16.91 6.63 -7.93
C TYR B 119 16.02 6.60 -9.17
N SER B 120 16.57 6.11 -10.27
CA SER B 120 15.82 6.02 -11.50
C SER B 120 14.54 5.24 -11.27
N TYR B 121 14.61 4.13 -10.53
CA TYR B 121 13.43 3.33 -10.26
C TYR B 121 12.43 4.11 -9.40
N ALA B 122 12.98 4.92 -8.50
CA ALA B 122 12.16 5.74 -7.63
C ALA B 122 11.35 6.68 -8.50
N VAL B 123 12.00 7.21 -9.54
CA VAL B 123 11.34 8.13 -10.44
C VAL B 123 10.39 7.42 -11.39
N GLU B 124 10.86 6.34 -11.98
CA GLU B 124 10.01 5.60 -12.88
C GLU B 124 8.75 5.15 -12.14
N ASN B 125 8.91 4.67 -10.91
CA ASN B 125 7.77 4.21 -10.15
C ASN B 125 6.82 5.35 -9.86
N ALA B 126 7.38 6.53 -9.61
CA ALA B 126 6.56 7.71 -9.34
C ALA B 126 5.49 7.86 -10.41
N LYS B 127 5.85 7.51 -11.65
CA LYS B 127 4.89 7.62 -12.73
C LYS B 127 3.61 6.84 -12.52
N ASP B 128 3.71 5.53 -12.21
CA ASP B 128 2.50 4.74 -11.98
C ASP B 128 1.77 5.22 -10.73
N ILE B 129 2.51 5.61 -9.71
CA ILE B 129 1.88 6.11 -8.49
C ILE B 129 1.05 7.35 -8.84
N ILE B 130 1.63 8.20 -9.69
CA ILE B 130 0.94 9.40 -10.13
C ILE B 130 -0.24 8.99 -11.02
N ALA B 131 0.00 8.01 -11.88
CA ALA B 131 -1.05 7.55 -12.76
C ALA B 131 -2.30 7.10 -11.97
N CYS B 132 -2.17 7.00 -10.65
CA CYS B 132 -3.30 6.57 -9.83
C CYS B 132 -4.27 7.68 -9.55
N GLY B 133 -3.92 8.88 -9.97
CA GLY B 133 -4.84 9.99 -9.78
C GLY B 133 -4.66 10.94 -8.61
N PHE B 134 -3.53 10.89 -7.91
CA PHE B 134 -3.32 11.80 -6.80
C PHE B 134 -3.35 13.24 -7.27
N ASP B 135 -3.83 14.12 -6.39
CA ASP B 135 -3.94 15.55 -6.69
C ASP B 135 -2.58 16.24 -6.60
N ILE B 136 -2.09 16.67 -7.75
CA ILE B 136 -0.80 17.36 -7.83
C ILE B 136 -0.71 18.49 -6.80
N ASN B 137 -1.84 19.02 -6.37
CA ASN B 137 -1.83 20.13 -5.42
C ASN B 137 -1.75 19.75 -3.97
N LYS B 138 -2.02 18.50 -3.62
CA LYS B 138 -1.93 18.12 -2.22
C LYS B 138 -1.25 16.79 -1.94
N THR B 139 -0.22 16.49 -2.74
CA THR B 139 0.55 15.26 -2.56
C THR B 139 2.01 15.53 -2.96
N PHE B 140 2.95 15.07 -2.14
CA PHE B 140 4.36 15.26 -2.39
C PHE B 140 5.04 13.89 -2.49
N ILE B 141 5.42 13.46 -3.70
CA ILE B 141 6.09 12.17 -3.88
C ILE B 141 7.57 12.51 -3.71
N PHE B 142 8.29 11.85 -2.83
CA PHE B 142 9.72 12.18 -2.69
C PHE B 142 10.71 11.01 -2.59
N SER B 143 11.94 11.25 -3.03
CA SER B 143 13.01 10.26 -2.99
C SER B 143 13.87 10.54 -1.76
N ASP B 144 14.19 9.49 -1.01
CA ASP B 144 15.01 9.67 0.19
C ASP B 144 16.34 10.30 -0.23
N LEU B 145 16.97 9.68 -1.23
CA LEU B 145 18.25 10.18 -1.71
C LEU B 145 18.22 11.67 -2.05
N ASP B 146 17.13 12.15 -2.62
CA ASP B 146 16.97 13.55 -2.97
C ASP B 146 16.60 14.41 -1.77
N TYR B 147 15.39 14.15 -1.27
CA TYR B 147 14.84 14.90 -0.15
C TYR B 147 15.75 15.01 1.04
N MET B 148 16.47 13.94 1.37
CA MET B 148 17.37 13.99 2.52
C MET B 148 18.22 15.25 2.42
N GLY B 149 18.83 15.43 1.27
CA GLY B 149 19.71 16.58 1.05
C GLY B 149 19.07 17.91 0.72
N MET B 150 17.76 18.00 0.80
CA MET B 150 17.12 19.26 0.54
C MET B 150 15.98 19.45 1.50
N SER B 151 16.30 19.34 2.78
CA SER B 151 15.27 19.51 3.79
C SER B 151 15.90 19.87 5.12
N SER B 152 15.27 20.82 5.80
CA SER B 152 15.75 21.27 7.08
C SER B 152 15.37 20.27 8.15
N GLY B 153 14.10 19.85 8.14
CA GLY B 153 13.59 18.94 9.14
C GLY B 153 13.81 17.44 9.05
N PHE B 154 13.69 16.87 7.86
CA PHE B 154 13.84 15.43 7.69
C PHE B 154 15.03 14.83 8.41
N TYR B 155 16.23 15.26 8.06
CA TYR B 155 17.39 14.69 8.69
C TYR B 155 17.34 14.93 10.19
N LYS B 156 16.94 16.12 10.63
CA LYS B 156 16.90 16.36 12.08
C LYS B 156 16.04 15.34 12.83
N ASN B 157 14.97 14.87 12.20
CA ASN B 157 14.10 13.89 12.85
C ASN B 157 14.74 12.51 12.83
N VAL B 158 15.49 12.20 11.77
CA VAL B 158 16.16 10.91 11.74
C VAL B 158 17.07 10.90 12.95
N VAL B 159 17.93 11.91 13.07
CA VAL B 159 18.83 11.96 14.22
C VAL B 159 18.06 11.89 15.54
N LYS B 160 16.91 12.55 15.65
CA LYS B 160 16.16 12.46 16.90
C LYS B 160 15.70 11.02 17.06
N ILE B 161 15.19 10.43 15.98
CA ILE B 161 14.70 9.08 16.07
C ILE B 161 15.79 8.06 16.36
N GLN B 162 16.98 8.28 15.80
CA GLN B 162 18.10 7.37 15.97
C GLN B 162 18.67 7.43 17.37
N LYS B 163 18.67 8.60 17.97
CA LYS B 163 19.19 8.70 19.32
C LYS B 163 18.30 7.96 20.28
N HIS B 164 17.12 7.57 19.82
CA HIS B 164 16.17 6.90 20.67
C HIS B 164 15.78 5.47 20.28
N VAL B 165 16.62 4.80 19.50
CA VAL B 165 16.35 3.41 19.11
C VAL B 165 17.66 2.66 19.13
N THR B 166 17.77 1.69 20.04
CA THR B 166 18.99 0.88 20.21
C THR B 166 19.08 -0.23 19.20
N PHE B 167 20.29 -0.71 18.98
CA PHE B 167 20.51 -1.79 18.04
C PHE B 167 19.68 -3.01 18.46
N ASN B 168 19.66 -3.30 19.76
CA ASN B 168 18.91 -4.45 20.22
C ASN B 168 17.45 -4.32 19.84
N GLN B 169 16.91 -3.11 19.93
CA GLN B 169 15.52 -2.90 19.57
C GLN B 169 15.28 -3.33 18.13
N VAL B 170 16.03 -2.77 17.20
CA VAL B 170 15.83 -3.10 15.81
C VAL B 170 16.19 -4.54 15.54
N LYS B 171 17.17 -5.03 16.30
CA LYS B 171 17.62 -6.41 16.17
C LYS B 171 16.39 -7.24 16.50
N GLY B 172 15.77 -6.89 17.63
CA GLY B 172 14.58 -7.56 18.07
C GLY B 172 13.42 -7.43 17.09
N ILE B 173 13.15 -6.21 16.66
CA ILE B 173 12.04 -5.95 15.74
C ILE B 173 12.22 -6.44 14.32
N PHE B 174 13.37 -6.15 13.73
CA PHE B 174 13.65 -6.53 12.34
C PHE B 174 14.51 -7.76 12.20
N GLY B 175 15.14 -8.18 13.29
CA GLY B 175 15.98 -9.34 13.24
C GLY B 175 17.31 -9.14 12.53
N PHE B 176 17.91 -7.95 12.69
CA PHE B 176 19.21 -7.71 12.07
C PHE B 176 20.22 -8.51 12.87
N THR B 177 21.49 -8.41 12.48
CA THR B 177 22.56 -9.14 13.14
C THR B 177 23.83 -8.29 13.10
N ASP B 178 24.76 -8.54 14.03
CA ASP B 178 26.03 -7.81 14.11
C ASP B 178 26.72 -7.81 12.75
N SER B 179 26.35 -8.78 11.92
CA SER B 179 26.92 -8.93 10.60
C SER B 179 26.36 -7.95 9.57
N ASP B 180 25.25 -7.28 9.89
CA ASP B 180 24.65 -6.32 8.96
C ASP B 180 25.40 -4.98 8.81
N CYS B 181 25.16 -4.28 7.70
CA CYS B 181 25.82 -2.98 7.47
C CYS B 181 25.16 -1.93 8.34
N ILE B 182 25.94 -0.99 8.85
CA ILE B 182 25.36 0.03 9.70
C ILE B 182 24.25 0.78 8.96
N GLY B 183 24.21 0.65 7.64
CA GLY B 183 23.20 1.28 6.82
C GLY B 183 21.82 0.67 7.00
N LYS B 184 21.74 -0.66 7.15
CA LYS B 184 20.45 -1.34 7.37
C LYS B 184 20.02 -1.14 8.82
N ILE B 185 20.99 -1.23 9.73
CA ILE B 185 20.74 -1.11 11.15
C ILE B 185 19.94 0.14 11.48
N SER B 186 20.25 1.24 10.83
CA SER B 186 19.53 2.45 11.16
C SER B 186 18.59 2.95 10.08
N PHE B 187 18.36 2.14 9.05
CA PHE B 187 17.43 2.57 8.02
C PHE B 187 16.03 2.81 8.55
N PRO B 188 15.59 2.00 9.54
CA PRO B 188 14.24 2.19 10.07
C PRO B 188 13.95 3.64 10.48
N ALA B 189 14.96 4.34 10.99
CA ALA B 189 14.73 5.71 11.40
C ALA B 189 14.23 6.49 10.20
N ILE B 190 14.86 6.27 9.04
CA ILE B 190 14.45 6.97 7.85
C ILE B 190 12.97 6.74 7.51
N GLN B 191 12.48 5.51 7.64
CA GLN B 191 11.08 5.25 7.30
C GLN B 191 10.09 5.75 8.34
N ALA B 192 10.59 6.02 9.54
CA ALA B 192 9.75 6.52 10.62
C ALA B 192 9.55 8.01 10.45
N ALA B 193 10.65 8.72 10.23
CA ALA B 193 10.67 10.18 10.08
C ALA B 193 9.52 10.87 9.35
N PRO B 194 9.07 10.31 8.21
CA PRO B 194 7.97 11.03 7.57
C PRO B 194 6.64 10.92 8.30
N SER B 195 6.68 10.45 9.53
CA SER B 195 5.47 10.30 10.35
C SER B 195 5.35 11.54 11.19
N PHE B 196 6.30 12.44 11.03
CA PHE B 196 6.30 13.65 11.82
C PHE B 196 6.26 14.92 10.96
N SER B 197 5.07 15.50 10.89
CA SER B 197 4.82 16.70 10.10
C SER B 197 6.02 17.62 9.92
N ASN B 198 6.72 17.97 10.99
CA ASN B 198 7.85 18.88 10.82
C ASN B 198 9.03 18.30 10.05
N SER B 199 8.83 17.20 9.36
CA SER B 199 9.89 16.62 8.55
C SER B 199 9.65 17.27 7.19
N PHE B 200 8.51 17.93 7.09
CA PHE B 200 8.12 18.58 5.84
C PHE B 200 7.80 20.02 6.18
N PRO B 201 8.83 20.77 6.62
CA PRO B 201 8.73 22.18 7.00
C PRO B 201 8.07 23.04 5.92
N GLN B 202 8.50 22.85 4.68
CA GLN B 202 7.99 23.60 3.55
C GLN B 202 6.52 23.31 3.25
N ILE B 203 5.89 22.43 4.01
CA ILE B 203 4.49 22.13 3.74
C ILE B 203 3.67 22.12 5.01
N PHE B 204 4.33 21.99 6.16
CA PHE B 204 3.59 21.99 7.41
C PHE B 204 4.01 23.11 8.35
N ARG B 205 4.94 23.96 7.91
CA ARG B 205 5.34 25.10 8.70
C ARG B 205 5.92 24.79 10.07
N ASP B 206 6.98 24.02 10.15
CA ASP B 206 7.57 23.74 11.46
C ASP B 206 6.56 23.28 12.54
N ARG B 207 5.36 22.93 12.09
CA ARG B 207 4.28 22.47 12.96
C ARG B 207 4.66 21.05 13.40
N THR B 208 4.52 20.72 14.69
CA THR B 208 4.92 19.39 15.14
C THR B 208 3.83 18.47 15.71
N ASP B 209 2.58 18.89 15.67
CA ASP B 209 1.53 18.06 16.25
C ASP B 209 0.46 17.69 15.26
N ILE B 210 0.77 17.68 13.98
CA ILE B 210 -0.25 17.30 13.04
C ILE B 210 -0.36 15.79 12.92
N GLN B 211 -1.56 15.28 13.14
CA GLN B 211 -1.86 13.86 13.08
C GLN B 211 -1.51 13.25 11.74
N CYS B 212 -0.86 12.10 11.77
CA CYS B 212 -0.48 11.40 10.54
C CYS B 212 -1.23 10.07 10.49
N LEU B 213 -1.67 9.67 9.31
CA LEU B 213 -2.39 8.40 9.12
C LEU B 213 -1.64 7.63 8.07
N ILE B 214 -1.09 6.48 8.45
CA ILE B 214 -0.29 5.68 7.52
C ILE B 214 -0.96 4.45 6.91
N PRO B 215 -1.51 4.57 5.68
CA PRO B 215 -2.10 3.34 5.16
C PRO B 215 -0.95 2.46 4.63
N CYS B 216 -0.95 1.20 5.01
CA CYS B 216 0.13 0.32 4.55
C CYS B 216 -0.21 -1.17 4.63
N ALA B 217 0.57 -1.99 3.94
CA ALA B 217 0.33 -3.41 3.98
C ALA B 217 0.74 -3.87 5.36
N ILE B 218 -0.04 -4.79 5.91
CA ILE B 218 0.15 -5.34 7.24
C ILE B 218 1.59 -5.69 7.62
N ASP B 219 2.45 -5.96 6.64
CA ASP B 219 3.83 -6.33 6.96
C ASP B 219 4.76 -5.15 7.20
N GLN B 220 4.24 -3.94 7.05
CA GLN B 220 5.04 -2.75 7.25
C GLN B 220 4.94 -2.28 8.70
N ASP B 221 3.93 -2.76 9.38
CA ASP B 221 3.67 -2.37 10.75
C ASP B 221 4.88 -2.28 11.68
N PRO B 222 5.74 -3.32 11.73
CA PRO B 222 6.90 -3.24 12.61
C PRO B 222 7.61 -1.90 12.60
N TYR B 223 7.84 -1.33 11.41
CA TYR B 223 8.49 -0.01 11.33
C TYR B 223 7.72 1.03 12.16
N PHE B 224 6.40 1.02 12.01
CA PHE B 224 5.57 1.96 12.73
C PHE B 224 5.30 1.63 14.18
N ARG B 225 5.48 0.36 14.54
CA ARG B 225 5.33 -0.02 15.94
C ARG B 225 6.53 0.65 16.61
N MET B 226 7.68 0.56 15.95
CA MET B 226 8.89 1.16 16.47
C MET B 226 8.70 2.67 16.49
N THR B 227 8.03 3.18 15.46
CA THR B 227 7.79 4.62 15.35
C THR B 227 6.87 5.11 16.44
N ARG B 228 5.73 4.42 16.59
CA ARG B 228 4.76 4.77 17.60
C ARG B 228 5.42 4.76 18.97
N ASP B 229 6.42 3.90 19.09
CA ASP B 229 7.17 3.75 20.32
C ASP B 229 8.05 4.96 20.66
N VAL B 230 8.78 5.46 19.68
CA VAL B 230 9.69 6.60 19.88
C VAL B 230 8.97 7.93 20.05
N ALA B 231 8.00 8.17 19.16
CA ALA B 231 7.25 9.40 19.16
C ALA B 231 7.06 10.07 20.53
N PRO B 232 6.45 9.38 21.50
CA PRO B 232 6.26 10.02 22.81
C PRO B 232 7.57 10.50 23.33
N ARG B 233 8.54 9.59 23.30
CA ARG B 233 9.85 9.88 23.80
C ARG B 233 10.50 11.09 23.17
N ILE B 234 10.06 11.50 21.99
CA ILE B 234 10.66 12.67 21.38
C ILE B 234 9.71 13.86 21.23
N GLY B 235 8.59 13.81 21.96
CA GLY B 235 7.61 14.87 21.96
C GLY B 235 6.63 14.93 20.82
N TYR B 236 6.50 13.85 20.05
CA TYR B 236 5.56 13.87 18.93
C TYR B 236 4.40 12.91 19.13
N PRO B 237 3.44 12.97 18.20
CA PRO B 237 2.28 12.09 18.29
C PRO B 237 2.51 10.87 17.41
N LYS B 238 2.07 9.70 17.88
CA LYS B 238 2.27 8.48 17.10
C LYS B 238 1.32 8.36 15.92
N PRO B 239 1.83 7.88 14.78
CA PRO B 239 1.07 7.70 13.54
C PRO B 239 -0.07 6.72 13.63
N ALA B 240 -1.18 7.06 13.03
CA ALA B 240 -2.34 6.17 13.02
C ALA B 240 -2.12 5.24 11.84
N LEU B 241 -2.68 4.04 11.93
CA LEU B 241 -2.50 3.07 10.86
C LEU B 241 -3.73 2.37 10.33
N LEU B 242 -3.70 2.06 9.03
CA LEU B 242 -4.76 1.28 8.39
C LEU B 242 -3.98 0.21 7.63
N HIS B 243 -4.03 -1.04 8.11
CA HIS B 243 -3.31 -2.15 7.50
C HIS B 243 -4.13 -2.86 6.41
N SER B 244 -3.44 -3.41 5.42
CA SER B 244 -4.10 -4.16 4.36
C SER B 244 -3.55 -5.58 4.37
N THR B 245 -4.27 -6.49 3.73
CA THR B 245 -3.84 -7.88 3.65
C THR B 245 -2.82 -7.96 2.52
N PHE B 246 -2.17 -9.12 2.39
CA PHE B 246 -1.17 -9.33 1.34
C PHE B 246 -1.90 -9.60 0.03
N PHE B 247 -1.38 -9.10 -1.09
CA PHE B 247 -2.01 -9.38 -2.38
C PHE B 247 -1.50 -10.76 -2.76
N PRO B 248 -2.40 -11.68 -3.14
CA PRO B 248 -2.09 -13.05 -3.54
C PRO B 248 -1.27 -13.21 -4.82
N ALA B 249 -0.29 -14.10 -4.78
CA ALA B 249 0.53 -14.36 -5.96
C ALA B 249 -0.30 -15.28 -6.86
N LEU B 250 -0.03 -15.25 -8.15
CA LEU B 250 -0.79 -16.09 -9.07
C LEU B 250 -0.75 -17.57 -8.69
N GLN B 251 0.31 -18.01 -8.02
CA GLN B 251 0.45 -19.40 -7.62
C GLN B 251 -0.23 -19.73 -6.31
N GLY B 252 -0.69 -18.71 -5.59
CA GLY B 252 -1.35 -18.97 -4.33
C GLY B 252 -1.05 -17.94 -3.26
N ALA B 253 -1.99 -17.79 -2.34
CA ALA B 253 -1.85 -16.83 -1.24
C ALA B 253 -0.57 -17.09 -0.43
N GLN B 254 -0.21 -18.37 -0.32
CA GLN B 254 0.96 -18.80 0.42
C GLN B 254 2.28 -18.39 -0.24
N THR B 255 2.44 -18.75 -1.52
CA THR B 255 3.65 -18.43 -2.26
C THR B 255 3.94 -16.93 -2.38
N LYS B 256 5.22 -16.59 -2.54
CA LYS B 256 5.66 -15.20 -2.65
C LYS B 256 5.92 -14.77 -4.09
N MET B 257 5.69 -13.49 -4.36
CA MET B 257 5.86 -12.92 -5.69
C MET B 257 6.97 -11.85 -5.78
N SER B 258 7.80 -11.94 -6.81
CA SER B 258 8.86 -10.95 -6.96
C SER B 258 8.83 -10.35 -8.35
N ALA B 259 9.37 -9.14 -8.48
CA ALA B 259 9.42 -8.43 -9.75
C ALA B 259 10.34 -9.18 -10.72
N SER B 260 10.88 -10.30 -10.26
CA SER B 260 11.77 -11.10 -11.08
C SER B 260 11.00 -12.19 -11.81
N ASP B 261 10.09 -12.87 -11.10
CA ASP B 261 9.28 -13.91 -11.71
C ASP B 261 8.16 -13.19 -12.42
N PRO B 262 8.23 -13.09 -13.75
CA PRO B 262 7.16 -12.39 -14.45
C PRO B 262 5.78 -13.08 -14.39
N ASN B 263 5.77 -14.41 -14.23
CA ASN B 263 4.51 -15.15 -14.15
C ASN B 263 4.02 -15.19 -12.71
N SER B 264 4.63 -14.36 -11.89
CA SER B 264 4.29 -14.26 -10.50
C SER B 264 3.06 -13.41 -10.26
N SER B 265 2.79 -12.51 -11.18
CA SER B 265 1.64 -11.61 -11.04
C SER B 265 1.43 -10.84 -12.33
N ILE B 266 0.34 -10.07 -12.38
CA ILE B 266 0.05 -9.25 -13.56
C ILE B 266 0.81 -7.94 -13.41
N PHE B 267 1.74 -7.66 -14.31
CA PHE B 267 2.51 -6.43 -14.24
C PHE B 267 1.83 -5.30 -15.00
N LEU B 268 2.04 -4.07 -14.52
CA LEU B 268 1.41 -2.89 -15.10
C LEU B 268 1.74 -2.59 -16.56
N THR B 269 2.62 -3.40 -17.15
CA THR B 269 3.00 -3.21 -18.54
C THR B 269 2.46 -4.34 -19.43
N ASP B 270 2.01 -5.43 -18.80
CA ASP B 270 1.46 -6.58 -19.55
C ASP B 270 0.44 -6.17 -20.58
N THR B 271 0.28 -7.02 -21.59
CA THR B 271 -0.65 -6.76 -22.67
C THR B 271 -1.96 -7.51 -22.53
N ALA B 272 -2.99 -7.01 -23.22
CA ALA B 272 -4.31 -7.63 -23.18
C ALA B 272 -4.15 -9.14 -23.25
N LYS B 273 -3.27 -9.58 -24.15
CA LYS B 273 -3.03 -11.00 -24.36
C LYS B 273 -2.25 -11.64 -23.23
N GLN B 274 -1.25 -10.94 -22.70
CA GLN B 274 -0.48 -11.49 -21.60
C GLN B 274 -1.36 -11.65 -20.36
N ILE B 275 -2.22 -10.67 -20.13
CA ILE B 275 -3.14 -10.70 -18.99
C ILE B 275 -3.84 -12.05 -19.03
N LYS B 276 -4.55 -12.28 -20.14
CA LYS B 276 -5.30 -13.52 -20.36
C LYS B 276 -4.44 -14.75 -20.14
N THR B 277 -3.29 -14.78 -20.80
CA THR B 277 -2.40 -15.92 -20.63
C THR B 277 -2.07 -16.19 -19.17
N LYS B 278 -1.58 -15.18 -18.45
CA LYS B 278 -1.23 -15.35 -17.04
C LYS B 278 -2.34 -15.94 -16.20
N VAL B 279 -3.55 -15.43 -16.34
CA VAL B 279 -4.65 -15.96 -15.54
C VAL B 279 -4.87 -17.44 -15.84
N ASN B 280 -5.20 -17.73 -17.10
CA ASN B 280 -5.46 -19.10 -17.54
C ASN B 280 -4.31 -20.09 -17.32
N LYS B 281 -3.08 -19.65 -17.53
CA LYS B 281 -1.95 -20.56 -17.36
C LYS B 281 -1.23 -20.54 -16.01
N HIS B 282 -1.61 -19.66 -15.10
CA HIS B 282 -0.93 -19.59 -13.81
C HIS B 282 -1.80 -19.29 -12.59
N ALA B 283 -2.91 -18.59 -12.77
CA ALA B 283 -3.77 -18.28 -11.65
C ALA B 283 -4.19 -19.57 -10.95
N PHE B 284 -3.81 -19.71 -9.68
CA PHE B 284 -4.18 -20.89 -8.91
C PHE B 284 -5.70 -21.00 -8.81
N SER B 285 -6.19 -22.22 -8.61
CA SER B 285 -7.62 -22.42 -8.54
C SER B 285 -8.17 -23.09 -7.29
N GLY B 286 -9.47 -22.89 -7.11
CA GLY B 286 -10.15 -23.50 -5.98
C GLY B 286 -11.25 -24.31 -6.59
N GLY B 287 -11.10 -24.58 -7.88
CA GLY B 287 -12.08 -25.36 -8.63
C GLY B 287 -11.74 -26.83 -8.65
N ARG B 288 -12.78 -27.66 -8.57
CA ARG B 288 -12.62 -29.10 -8.55
C ARG B 288 -11.87 -29.61 -9.77
N ASP B 289 -11.27 -30.78 -9.62
CA ASP B 289 -10.51 -31.40 -10.70
C ASP B 289 -11.35 -31.57 -11.95
N THR B 290 -12.28 -32.52 -11.93
CA THR B 290 -13.16 -32.76 -13.07
C THR B 290 -14.34 -31.79 -13.04
N ILE B 291 -14.87 -31.44 -14.21
CA ILE B 291 -15.98 -30.51 -14.22
C ILE B 291 -17.21 -31.10 -13.52
N GLU B 292 -17.32 -32.43 -13.50
CA GLU B 292 -18.47 -33.07 -12.83
C GLU B 292 -18.34 -32.85 -11.34
N GLU B 293 -17.13 -33.05 -10.83
CA GLU B 293 -16.84 -32.85 -9.41
C GLU B 293 -17.21 -31.43 -9.01
N HIS B 294 -16.81 -30.48 -9.85
CA HIS B 294 -17.06 -29.07 -9.60
C HIS B 294 -18.56 -28.80 -9.49
N ARG B 295 -19.32 -29.32 -10.44
CA ARG B 295 -20.76 -29.12 -10.45
C ARG B 295 -21.48 -29.54 -9.17
N GLN B 296 -20.96 -30.57 -8.51
CA GLN B 296 -21.58 -31.09 -7.29
C GLN B 296 -21.04 -30.44 -6.02
N PHE B 297 -19.72 -30.32 -5.92
CA PHE B 297 -19.04 -29.73 -4.77
C PHE B 297 -18.95 -28.21 -4.84
N GLY B 298 -18.85 -27.67 -6.05
CA GLY B 298 -18.72 -26.23 -6.21
C GLY B 298 -17.30 -25.84 -5.85
N GLY B 299 -16.85 -24.70 -6.39
CA GLY B 299 -15.50 -24.24 -6.14
C GLY B 299 -15.22 -23.83 -4.71
N ASN B 300 -13.96 -23.49 -4.44
CA ASN B 300 -13.51 -23.06 -3.13
C ASN B 300 -13.08 -21.60 -3.27
N CYS B 301 -14.00 -20.67 -3.00
CA CYS B 301 -13.72 -19.24 -3.12
C CYS B 301 -12.54 -18.77 -2.28
N ASP B 302 -12.28 -19.45 -1.18
CA ASP B 302 -11.23 -19.05 -0.28
C ASP B 302 -9.79 -19.13 -0.75
N VAL B 303 -9.47 -20.11 -1.58
CA VAL B 303 -8.09 -20.27 -2.05
C VAL B 303 -7.88 -19.92 -3.51
N ASP B 304 -8.98 -19.68 -4.22
CA ASP B 304 -8.94 -19.34 -5.63
C ASP B 304 -8.38 -17.94 -5.88
N VAL B 305 -7.13 -17.88 -6.33
CA VAL B 305 -6.49 -16.60 -6.62
C VAL B 305 -7.36 -15.72 -7.52
N SER B 306 -7.83 -16.27 -8.63
CA SER B 306 -8.67 -15.52 -9.56
C SER B 306 -9.81 -14.82 -8.82
N PHE B 307 -10.48 -15.52 -7.92
CA PHE B 307 -11.58 -14.87 -7.21
C PHE B 307 -11.05 -13.82 -6.25
N MET B 308 -9.95 -14.11 -5.56
CA MET B 308 -9.40 -13.11 -4.65
C MET B 308 -9.15 -11.83 -5.45
N TYR B 309 -8.73 -11.99 -6.71
CA TYR B 309 -8.45 -10.86 -7.58
C TYR B 309 -9.70 -10.01 -7.78
N LEU B 310 -10.79 -10.64 -8.21
CA LEU B 310 -12.04 -9.92 -8.42
C LEU B 310 -12.38 -9.14 -7.15
N THR B 311 -12.11 -9.77 -6.01
CA THR B 311 -12.35 -9.15 -4.72
C THR B 311 -11.68 -7.78 -4.63
N PHE B 312 -10.56 -7.62 -5.33
CA PHE B 312 -9.81 -6.35 -5.36
C PHE B 312 -10.25 -5.43 -6.50
N PHE B 313 -10.62 -6.00 -7.64
CA PHE B 313 -10.96 -5.15 -8.77
C PHE B 313 -12.38 -5.14 -9.32
N LEU B 314 -13.21 -6.11 -8.94
CA LEU B 314 -14.59 -6.06 -9.41
C LEU B 314 -15.27 -5.10 -8.44
N GLU B 315 -15.49 -3.87 -8.87
CA GLU B 315 -16.08 -2.87 -7.99
C GLU B 315 -17.55 -3.09 -7.68
N ASP B 316 -18.32 -3.55 -8.66
CA ASP B 316 -19.75 -3.77 -8.46
C ASP B 316 -20.01 -4.86 -7.45
N ASP B 317 -20.39 -4.45 -6.25
CA ASP B 317 -20.66 -5.37 -5.14
C ASP B 317 -21.60 -6.53 -5.46
N ASP B 318 -22.64 -6.28 -6.26
CA ASP B 318 -23.59 -7.33 -6.60
C ASP B 318 -23.02 -8.35 -7.57
N LYS B 319 -22.44 -7.88 -8.66
CA LYS B 319 -21.85 -8.79 -9.63
C LYS B 319 -20.87 -9.74 -8.94
N LEU B 320 -20.06 -9.22 -8.02
CA LEU B 320 -19.10 -10.06 -7.32
C LEU B 320 -19.86 -11.20 -6.64
N GLU B 321 -20.97 -10.86 -5.98
CA GLU B 321 -21.76 -11.88 -5.31
C GLU B 321 -22.20 -12.98 -6.28
N GLN B 322 -22.79 -12.58 -7.40
CA GLN B 322 -23.25 -13.52 -8.43
C GLN B 322 -22.13 -14.53 -8.71
N ILE B 323 -20.90 -14.04 -8.74
CA ILE B 323 -19.79 -14.92 -9.01
C ILE B 323 -19.51 -15.79 -7.80
N ARG B 324 -19.38 -15.18 -6.63
CA ARG B 324 -19.12 -15.94 -5.42
C ARG B 324 -20.15 -17.07 -5.34
N LYS B 325 -21.43 -16.71 -5.52
CA LYS B 325 -22.50 -17.70 -5.44
C LYS B 325 -22.34 -18.77 -6.51
N ASP B 326 -22.65 -18.43 -7.76
CA ASP B 326 -22.55 -19.41 -8.83
C ASP B 326 -21.21 -20.14 -8.83
N TYR B 327 -20.17 -19.56 -8.25
CA TYR B 327 -18.91 -20.28 -8.24
C TYR B 327 -18.91 -21.27 -7.08
N THR B 328 -19.22 -20.77 -5.89
CA THR B 328 -19.26 -21.61 -4.70
C THR B 328 -20.12 -22.85 -4.87
N SER B 329 -21.31 -22.69 -5.46
CA SER B 329 -22.25 -23.82 -5.65
C SER B 329 -21.77 -24.81 -6.72
N GLY B 330 -21.14 -24.30 -7.77
CA GLY B 330 -20.66 -25.15 -8.84
C GLY B 330 -21.20 -24.71 -10.18
N ALA B 331 -22.22 -23.85 -10.15
CA ALA B 331 -22.86 -23.33 -11.37
C ALA B 331 -21.89 -22.62 -12.31
N MET B 332 -20.73 -22.22 -11.79
CA MET B 332 -19.72 -21.57 -12.64
C MET B 332 -18.43 -22.35 -12.55
N LEU B 333 -17.87 -22.68 -13.70
CA LEU B 333 -16.61 -23.42 -13.75
C LEU B 333 -15.45 -22.43 -13.61
N THR B 334 -14.36 -22.84 -12.97
CA THR B 334 -13.26 -21.90 -12.80
C THR B 334 -12.88 -21.32 -14.15
N GLY B 335 -13.32 -21.98 -15.21
CA GLY B 335 -13.03 -21.49 -16.54
C GLY B 335 -13.72 -20.16 -16.80
N GLU B 336 -14.99 -20.06 -16.44
CA GLU B 336 -15.74 -18.84 -16.67
C GLU B 336 -15.23 -17.79 -15.70
N LEU B 337 -14.96 -18.23 -14.47
CA LEU B 337 -14.46 -17.34 -13.44
C LEU B 337 -13.26 -16.61 -14.03
N LYS B 338 -12.22 -17.37 -14.33
CA LYS B 338 -11.02 -16.80 -14.92
C LYS B 338 -11.39 -15.90 -16.09
N LYS B 339 -12.28 -16.36 -16.95
CA LYS B 339 -12.68 -15.57 -18.09
C LYS B 339 -13.14 -14.19 -17.62
N ALA B 340 -13.85 -14.17 -16.50
CA ALA B 340 -14.36 -12.92 -15.96
C ALA B 340 -13.24 -12.02 -15.45
N LEU B 341 -12.33 -12.59 -14.66
CA LEU B 341 -11.22 -11.83 -14.13
C LEU B 341 -10.47 -11.13 -15.24
N ILE B 342 -10.32 -11.78 -16.39
CA ILE B 342 -9.62 -11.16 -17.50
C ILE B 342 -10.41 -9.96 -18.03
N GLU B 343 -11.70 -10.18 -18.29
CA GLU B 343 -12.55 -9.12 -18.82
C GLU B 343 -12.52 -7.88 -17.93
N VAL B 344 -12.09 -8.08 -16.68
CA VAL B 344 -12.00 -6.98 -15.74
C VAL B 344 -10.59 -6.39 -15.78
N LEU B 345 -9.59 -7.24 -15.61
CA LEU B 345 -8.20 -6.79 -15.61
C LEU B 345 -7.74 -6.09 -16.87
N GLN B 346 -8.06 -6.65 -18.03
CA GLN B 346 -7.61 -6.04 -19.28
C GLN B 346 -7.93 -4.57 -19.38
N PRO B 347 -9.21 -4.19 -19.36
CA PRO B 347 -9.50 -2.75 -19.46
C PRO B 347 -8.83 -1.95 -18.35
N LEU B 348 -8.65 -2.59 -17.20
CA LEU B 348 -8.04 -1.98 -16.04
C LEU B 348 -6.59 -1.62 -16.28
N ILE B 349 -5.78 -2.60 -16.66
CA ILE B 349 -4.38 -2.30 -16.92
C ILE B 349 -4.26 -1.31 -18.06
N ALA B 350 -5.03 -1.54 -19.12
CA ALA B 350 -5.00 -0.65 -20.27
C ALA B 350 -5.14 0.77 -19.76
N GLU B 351 -6.18 1.00 -18.97
CA GLU B 351 -6.46 2.29 -18.37
C GLU B 351 -5.19 2.85 -17.75
N HIS B 352 -4.63 2.09 -16.82
CA HIS B 352 -3.43 2.53 -16.16
C HIS B 352 -2.40 3.00 -17.16
N GLN B 353 -2.04 2.11 -18.09
CA GLN B 353 -1.02 2.41 -19.09
C GLN B 353 -1.21 3.75 -19.82
N ALA B 354 -2.47 4.15 -20.00
CA ALA B 354 -2.79 5.40 -20.66
C ALA B 354 -2.53 6.53 -19.70
N ARG B 355 -3.16 6.48 -18.53
CA ARG B 355 -2.96 7.51 -17.53
C ARG B 355 -1.46 7.72 -17.31
N ARG B 356 -0.71 6.62 -17.29
CA ARG B 356 0.71 6.74 -17.07
C ARG B 356 1.39 7.52 -18.18
N LYS B 357 0.99 7.26 -19.41
CA LYS B 357 1.60 7.92 -20.55
C LYS B 357 1.39 9.43 -20.49
N GLU B 358 0.30 9.86 -19.86
CA GLU B 358 0.00 11.28 -19.74
C GLU B 358 0.90 11.97 -18.71
N VAL B 359 1.62 11.17 -17.94
CA VAL B 359 2.51 11.69 -16.93
C VAL B 359 3.78 12.13 -17.67
N THR B 360 3.96 13.43 -17.80
CA THR B 360 5.13 13.98 -18.48
C THR B 360 6.30 14.13 -17.52
N ASP B 361 7.48 14.44 -18.02
CA ASP B 361 8.62 14.60 -17.13
C ASP B 361 8.40 15.79 -16.22
N GLU B 362 7.81 16.86 -16.74
CA GLU B 362 7.57 18.04 -15.92
C GLU B 362 6.54 17.78 -14.84
N ILE B 363 5.73 16.74 -15.01
CA ILE B 363 4.74 16.44 -13.97
C ILE B 363 5.43 15.68 -12.84
N VAL B 364 6.24 14.68 -13.17
CA VAL B 364 6.94 13.97 -12.13
C VAL B 364 7.74 15.02 -11.36
N LYS B 365 8.41 15.90 -12.10
CA LYS B 365 9.21 16.94 -11.50
C LYS B 365 8.44 17.72 -10.45
N GLU B 366 7.27 18.25 -10.82
CA GLU B 366 6.47 19.02 -9.87
C GLU B 366 6.14 18.19 -8.64
N PHE B 367 5.56 17.01 -8.85
CA PHE B 367 5.20 16.13 -7.75
C PHE B 367 6.37 15.95 -6.80
N MET B 368 7.54 15.67 -7.34
CA MET B 368 8.70 15.46 -6.49
C MET B 368 9.42 16.71 -6.02
N THR B 369 8.88 17.87 -6.30
CA THR B 369 9.51 19.10 -5.83
C THR B 369 8.93 19.49 -4.48
N PRO B 370 9.77 19.66 -3.45
CA PRO B 370 9.23 20.04 -2.15
C PRO B 370 8.65 21.45 -2.24
N ARG B 371 7.40 21.60 -1.83
CA ARG B 371 6.73 22.88 -1.88
C ARG B 371 5.44 22.89 -1.09
N LYS B 372 5.00 24.09 -0.74
CA LYS B 372 3.77 24.30 0.00
C LYS B 372 2.67 23.60 -0.77
N LEU B 373 1.70 23.03 -0.05
CA LEU B 373 0.62 22.32 -0.73
C LEU B 373 -0.75 22.92 -0.46
N SER B 374 -1.58 22.88 -1.49
CA SER B 374 -2.96 23.39 -1.47
C SER B 374 -3.50 23.67 -0.08
N PHE B 375 -3.74 22.62 0.69
CA PHE B 375 -4.25 22.83 2.04
C PHE B 375 -3.12 23.33 2.92
N ASP B 376 -3.04 24.65 3.02
CA ASP B 376 -2.02 25.36 3.80
C ASP B 376 -2.08 25.01 5.29
#